data_8RSR
#
_entry.id   8RSR
#
_cell.length_a   133.186
_cell.length_b   39.787
_cell.length_c   95.756
_cell.angle_alpha   90.000
_cell.angle_beta   124.540
_cell.angle_gamma   90.000
#
_symmetry.space_group_name_H-M   'C 1 2 1'
#
loop_
_entity.id
_entity.type
_entity.pdbx_description
1 polymer 'Bacteriorhodopsin,ADP-ribosylation factor 1'
2 non-polymer "GUANOSINE-5'-DIPHOSPHATE"
3 non-polymer EICOSANE
4 non-polymer 'OLEIC ACID'
5 non-polymer RETINAL
6 water water
#
_entity_poly.entity_id   1
_entity_poly.type   'polypeptide(L)'
_entity_poly.pdbx_seq_one_letter_code
;MEELTYRLFMVATVGMLAGTVFLLASSREVKPEHRRGVYISALVCGIAWYHYQKMGASWESGSYDTGLRYVDWVLTVPLM
FVEVLAVTRKGAAYNEAVRNWGIAATVMIGAGYYGETSAAGSNEYWTGFVIAMATYVWLMRNLQAEGEGLKGDQAVAFEN
IKNLILVGWIIYPLGYIAPVVGDFDAIREVLYTIADIINKVGLGVLVLQMARVQSGEGNIFANKFKGLFGKKEMRILMVG
LDAAGKTTILYKLKLGEIVTTIPTIGFNVETVEYKNISFTVWDVGGLDKIRPLWRHYFQNTQGLIFVVDSNDRERVNEAR
EELMRMLAEDELRDAVLLVFANKQDLPNAMNAAEITDKLGLHSLRHRNWYIQATCATSGDGLYEGLDWLSNQLRNQKGSG
GSHHHHHH
;
_entity_poly.pdbx_strand_id   A
#
# COMPACT_ATOMS: atom_id res chain seq x y z
N GLU A 2 -28.71 20.94 26.67
CA GLU A 2 -29.20 19.58 26.93
C GLU A 2 -29.74 18.93 25.66
N GLU A 3 -30.83 19.50 25.13
CA GLU A 3 -31.43 18.96 23.92
C GLU A 3 -30.53 19.18 22.71
N LEU A 4 -29.73 20.24 22.72
CA LEU A 4 -28.81 20.48 21.61
C LEU A 4 -27.58 19.60 21.70
N THR A 5 -27.08 19.36 22.92
CA THR A 5 -25.93 18.49 23.10
C THR A 5 -26.25 17.03 22.79
N TYR A 6 -27.53 16.67 22.76
CA TYR A 6 -27.94 15.32 22.42
C TYR A 6 -28.15 15.12 20.93
N ARG A 7 -28.50 16.18 20.19
CA ARG A 7 -28.70 16.05 18.75
C ARG A 7 -27.38 15.76 18.04
N LEU A 8 -26.27 16.31 18.52
CA LEU A 8 -24.98 16.02 17.91
C LEU A 8 -24.55 14.57 18.13
N PHE A 9 -24.93 13.99 19.27
CA PHE A 9 -24.62 12.58 19.52
C PHE A 9 -25.36 11.67 18.55
N MET A 10 -26.52 12.10 18.07
CA MET A 10 -27.26 11.31 17.08
C MET A 10 -26.65 11.44 15.69
N VAL A 11 -26.23 12.66 15.32
CA VAL A 11 -25.65 12.88 14.01
C VAL A 11 -24.31 12.17 13.89
N ALA A 12 -23.48 12.24 14.94
CA ALA A 12 -22.17 11.61 14.89
C ALA A 12 -22.29 10.09 14.76
N THR A 13 -23.28 9.50 15.42
CA THR A 13 -23.49 8.06 15.31
C THR A 13 -23.81 7.68 13.86
N VAL A 14 -24.74 8.41 13.24
CA VAL A 14 -25.04 8.16 11.84
C VAL A 14 -23.89 8.61 10.94
N GLY A 15 -23.04 9.51 11.42
CA GLY A 15 -21.89 9.96 10.65
C GLY A 15 -20.75 8.97 10.64
N MET A 16 -20.46 8.36 11.79
CA MET A 16 -19.39 7.38 11.85
C MET A 16 -19.73 6.14 11.06
N LEU A 17 -21.00 5.72 11.11
CA LEU A 17 -21.41 4.55 10.32
C LEU A 17 -21.36 4.84 8.83
N ALA A 18 -21.86 6.02 8.43
CA ALA A 18 -21.76 6.42 7.02
C ALA A 18 -20.32 6.55 6.58
N GLY A 19 -19.44 7.01 7.47
CA GLY A 19 -18.03 7.05 7.14
C GLY A 19 -17.46 5.67 6.87
N THR A 20 -17.82 4.70 7.71
CA THR A 20 -17.44 3.32 7.44
C THR A 20 -18.08 2.81 6.16
N VAL A 21 -19.30 3.26 5.86
CA VAL A 21 -19.97 2.83 4.63
C VAL A 21 -19.27 3.42 3.41
N PHE A 22 -18.88 4.69 3.48
CA PHE A 22 -18.20 5.33 2.35
C PHE A 22 -16.81 4.75 2.14
N LEU A 23 -16.09 4.47 3.23
CA LEU A 23 -14.74 3.95 3.11
C LEU A 23 -14.74 2.52 2.58
N LEU A 24 -15.65 1.68 3.08
CA LEU A 24 -15.69 0.29 2.62
C LEU A 24 -16.18 0.21 1.17
N ALA A 25 -17.13 1.06 0.79
CA ALA A 25 -17.61 1.08 -0.58
C ALA A 25 -16.61 1.69 -1.54
N SER A 26 -15.75 2.58 -1.05
CA SER A 26 -14.72 3.18 -1.89
C SER A 26 -13.43 2.37 -1.93
N SER A 27 -13.32 1.33 -1.11
CA SER A 27 -12.14 0.48 -1.14
C SER A 27 -12.08 -0.40 -2.38
N ARG A 28 -13.15 -0.43 -3.19
CA ARG A 28 -13.14 -1.22 -4.41
C ARG A 28 -12.43 -0.48 -5.54
N GLU A 29 -12.61 0.83 -5.64
CA GLU A 29 -12.01 1.63 -6.70
C GLU A 29 -10.55 1.97 -6.44
N VAL A 30 -9.92 1.34 -5.45
CA VAL A 30 -8.50 1.50 -5.20
C VAL A 30 -7.84 0.13 -5.30
N LYS A 31 -6.57 0.12 -5.67
CA LYS A 31 -5.84 -1.13 -5.87
C LYS A 31 -5.77 -1.90 -4.55
N PRO A 32 -5.79 -3.25 -4.62
CA PRO A 32 -5.78 -4.03 -3.37
C PRO A 32 -4.55 -3.81 -2.52
N GLU A 33 -3.39 -3.56 -3.13
CA GLU A 33 -2.20 -3.27 -2.35
C GLU A 33 -2.25 -1.91 -1.67
N HIS A 34 -3.20 -1.05 -2.05
CA HIS A 34 -3.37 0.25 -1.41
C HIS A 34 -4.68 0.28 -0.64
N ARG A 35 -4.93 -0.73 0.19
CA ARG A 35 -6.16 -0.80 0.97
C ARG A 35 -5.95 -0.98 2.46
N ARG A 36 -4.73 -1.32 2.90
CA ARG A 36 -4.51 -1.57 4.33
C ARG A 36 -4.82 -0.33 5.16
N GLY A 37 -4.48 0.85 4.64
CA GLY A 37 -4.79 2.08 5.36
C GLY A 37 -6.27 2.39 5.36
N VAL A 38 -6.94 2.15 4.23
CA VAL A 38 -8.37 2.47 4.14
C VAL A 38 -9.18 1.56 5.05
N TYR A 39 -8.76 0.31 5.21
CA TYR A 39 -9.47 -0.61 6.08
C TYR A 39 -9.34 -0.21 7.55
N ILE A 40 -8.13 0.21 7.96
CA ILE A 40 -7.94 0.67 9.33
C ILE A 40 -8.73 1.94 9.58
N SER A 41 -8.77 2.83 8.59
CA SER A 41 -9.56 4.05 8.73
C SER A 41 -11.05 3.73 8.92
N ALA A 42 -11.53 2.69 8.23
CA ALA A 42 -12.92 2.26 8.43
C ALA A 42 -13.10 1.62 9.80
N LEU A 43 -12.07 0.97 10.33
CA LEU A 43 -12.15 0.42 11.68
C LEU A 43 -12.24 1.51 12.72
N VAL A 44 -11.55 2.64 12.49
CA VAL A 44 -11.62 3.76 13.43
C VAL A 44 -13.03 4.31 13.50
N CYS A 45 -13.66 4.50 12.33
CA CYS A 45 -15.03 5.00 12.30
C CYS A 45 -16.01 3.98 12.86
N GLY A 46 -15.68 2.69 12.77
CA GLY A 46 -16.55 1.68 13.34
C GLY A 46 -16.51 1.67 14.86
N ILE A 47 -15.31 1.83 15.43
CA ILE A 47 -15.19 1.92 16.89
C ILE A 47 -15.90 3.17 17.39
N ALA A 48 -15.82 4.27 16.63
CA ALA A 48 -16.49 5.51 17.03
C ALA A 48 -18.01 5.36 16.97
N TRP A 49 -18.51 4.69 15.93
CA TRP A 49 -19.95 4.48 15.82
C TRP A 49 -20.49 3.61 16.95
N TYR A 50 -19.72 2.59 17.34
CA TYR A 50 -20.17 1.70 18.41
C TYR A 50 -20.22 2.40 19.75
N HIS A 51 -19.31 3.35 20.00
CA HIS A 51 -19.31 4.07 21.26
C HIS A 51 -20.26 5.25 21.24
N TYR A 52 -20.37 5.95 20.10
CA TYR A 52 -21.29 7.07 20.00
C TYR A 52 -22.75 6.62 20.02
N GLN A 53 -23.03 5.34 19.80
CA GLN A 53 -24.38 4.84 20.01
C GLN A 53 -24.72 4.80 21.49
N LYS A 54 -23.75 4.41 22.32
CA LYS A 54 -23.98 4.37 23.77
C LYS A 54 -23.99 5.76 24.39
N MET A 55 -23.19 6.68 23.84
CA MET A 55 -23.11 8.03 24.37
C MET A 55 -23.91 9.00 23.50
N SER A 63 -25.11 12.96 34.47
CA SER A 63 -25.75 11.77 33.93
C SER A 63 -24.97 11.22 32.74
N TYR A 64 -24.26 12.10 32.04
CA TYR A 64 -23.48 11.73 30.87
C TYR A 64 -22.11 11.22 31.30
N ASP A 65 -21.81 9.97 30.96
CA ASP A 65 -20.52 9.38 31.30
C ASP A 65 -19.49 9.75 30.23
N THR A 66 -18.39 10.36 30.65
CA THR A 66 -17.33 10.74 29.74
C THR A 66 -16.29 9.64 29.53
N GLY A 67 -16.33 8.58 30.34
CA GLY A 67 -15.42 7.46 30.15
C GLY A 67 -15.65 6.72 28.85
N LEU A 68 -16.85 6.79 28.29
CA LEU A 68 -17.10 6.20 26.98
C LEU A 68 -16.35 6.93 25.89
N ARG A 69 -16.15 8.24 26.05
CA ARG A 69 -15.39 9.01 25.06
C ARG A 69 -13.91 8.71 25.16
N TYR A 70 -13.38 8.64 26.39
CA TYR A 70 -11.95 8.37 26.56
C TYR A 70 -11.60 6.93 26.23
N VAL A 71 -12.55 6.01 26.42
CA VAL A 71 -12.33 4.64 25.94
C VAL A 71 -12.27 4.63 24.41
N ASP A 72 -13.01 5.53 23.76
CA ASP A 72 -12.97 5.62 22.31
C ASP A 72 -11.64 6.19 21.83
N TRP A 73 -11.08 7.15 22.56
CA TRP A 73 -9.85 7.79 22.13
C TRP A 73 -8.65 6.87 22.33
N VAL A 74 -8.59 6.18 23.48
CA VAL A 74 -7.44 5.35 23.79
C VAL A 74 -7.29 4.20 22.80
N LEU A 75 -8.34 3.88 22.04
CA LEU A 75 -8.28 2.85 21.02
C LEU A 75 -8.08 3.41 19.61
N THR A 76 -8.75 4.52 19.28
CA THR A 76 -8.73 5.02 17.91
C THR A 76 -7.49 5.87 17.63
N VAL A 77 -7.03 6.64 18.61
CA VAL A 77 -5.90 7.55 18.37
C VAL A 77 -4.64 6.79 17.94
N PRO A 78 -4.20 5.74 18.65
CA PRO A 78 -3.03 5.00 18.13
C PRO A 78 -3.30 4.31 16.81
N LEU A 79 -4.56 3.92 16.54
CA LEU A 79 -4.88 3.34 15.25
C LEU A 79 -4.80 4.37 14.12
N MET A 80 -5.08 5.63 14.42
CA MET A 80 -4.92 6.68 13.42
C MET A 80 -3.44 6.98 13.18
N PHE A 81 -2.59 6.77 14.20
CA PHE A 81 -1.15 6.87 13.97
C PHE A 81 -0.63 5.69 13.14
N VAL A 82 -1.33 4.55 13.19
CA VAL A 82 -0.93 3.40 12.39
C VAL A 82 -1.11 3.70 10.91
N GLU A 83 -2.24 4.28 10.54
CA GLU A 83 -2.50 4.60 9.14
C GLU A 83 -1.71 5.81 8.65
N VAL A 84 -1.12 6.58 9.56
CA VAL A 84 -0.27 7.70 9.17
C VAL A 84 1.19 7.27 9.02
N LEU A 85 1.70 6.55 10.02
CA LEU A 85 3.10 6.11 9.98
C LEU A 85 3.36 5.08 8.90
N ALA A 86 2.34 4.34 8.46
CA ALA A 86 2.51 3.38 7.37
C ALA A 86 2.83 4.07 6.05
N VAL A 87 2.55 5.36 5.93
CA VAL A 87 2.85 6.08 4.69
C VAL A 87 4.35 6.39 4.59
N THR A 88 5.00 6.68 5.71
CA THR A 88 6.39 7.12 5.72
C THR A 88 7.36 6.09 6.27
N ARG A 89 6.93 5.23 7.18
CA ARG A 89 7.80 4.23 7.79
C ARG A 89 7.41 2.84 7.33
N LYS A 90 8.38 1.92 7.32
CA LYS A 90 8.17 0.60 6.73
C LYS A 90 8.51 -0.54 7.67
N GLY A 91 9.79 -0.69 8.02
CA GLY A 91 10.22 -1.84 8.79
C GLY A 91 10.47 -1.57 10.26
N ALA A 92 11.74 -1.60 10.67
CA ALA A 92 12.07 -1.38 12.07
C ALA A 92 11.72 0.03 12.51
N ALA A 93 11.86 1.01 11.61
CA ALA A 93 11.47 2.37 11.92
C ALA A 93 9.96 2.52 12.05
N TYR A 94 9.18 1.58 11.51
CA TYR A 94 7.73 1.64 11.63
C TYR A 94 7.26 1.15 12.99
N ASN A 95 7.71 -0.04 13.40
CA ASN A 95 7.29 -0.57 14.70
C ASN A 95 7.82 0.27 15.85
N GLU A 96 8.98 0.91 15.68
CA GLU A 96 9.49 1.78 16.73
C GLU A 96 8.70 3.08 16.80
N ALA A 97 8.15 3.55 15.69
CA ALA A 97 7.35 4.76 15.69
C ALA A 97 5.95 4.51 16.22
N VAL A 98 5.32 3.41 15.78
CA VAL A 98 3.98 3.07 16.27
C VAL A 98 4.01 2.83 17.77
N ARG A 99 5.09 2.24 18.27
CA ARG A 99 5.19 1.98 19.70
C ARG A 99 5.34 3.27 20.49
N ASN A 100 6.21 4.17 20.03
CA ASN A 100 6.43 5.43 20.74
C ASN A 100 5.21 6.34 20.64
N TRP A 101 4.64 6.48 19.44
CA TRP A 101 3.45 7.32 19.29
C TRP A 101 2.27 6.72 20.04
N GLY A 102 2.15 5.39 20.03
CA GLY A 102 1.07 4.76 20.79
C GLY A 102 1.24 4.93 22.28
N ILE A 103 2.48 4.90 22.77
CA ILE A 103 2.74 5.18 24.18
C ILE A 103 2.45 6.64 24.49
N ALA A 104 2.90 7.55 23.63
CA ALA A 104 2.65 8.97 23.86
C ALA A 104 1.15 9.28 23.83
N ALA A 105 0.41 8.69 22.88
CA ALA A 105 -1.03 8.90 22.82
C ALA A 105 -1.72 8.31 24.04
N THR A 106 -1.22 7.18 24.56
CA THR A 106 -1.82 6.59 25.76
C THR A 106 -1.63 7.51 26.96
N VAL A 107 -0.45 8.10 27.10
CA VAL A 107 -0.21 9.03 28.20
C VAL A 107 -1.05 10.29 28.02
N MET A 108 -1.23 10.73 26.77
CA MET A 108 -2.05 11.92 26.51
C MET A 108 -3.50 11.68 26.91
N ILE A 109 -4.12 10.61 26.37
CA ILE A 109 -5.50 10.32 26.69
C ILE A 109 -5.66 9.96 28.16
N GLY A 110 -4.67 9.24 28.71
CA GLY A 110 -4.73 8.87 30.12
C GLY A 110 -4.67 10.08 31.04
N ALA A 111 -3.81 11.04 30.73
CA ALA A 111 -3.71 12.24 31.55
C ALA A 111 -4.95 13.10 31.42
N GLY A 112 -5.59 13.13 30.25
CA GLY A 112 -6.81 13.88 30.09
C GLY A 112 -7.96 13.30 30.89
N TYR A 113 -8.09 11.98 30.89
CA TYR A 113 -9.14 11.34 31.68
C TYR A 113 -8.90 11.56 33.17
N TYR A 114 -7.63 11.58 33.60
CA TYR A 114 -7.33 11.84 35.00
C TYR A 114 -7.77 13.23 35.42
N GLY A 115 -7.58 14.22 34.55
CA GLY A 115 -7.94 15.58 34.88
C GLY A 115 -9.39 15.92 34.62
N GLU A 116 -9.99 15.31 33.60
CA GLU A 116 -11.38 15.62 33.28
C GLU A 116 -12.34 15.03 34.30
N THR A 117 -12.05 13.83 34.80
CA THR A 117 -12.90 13.21 35.80
C THR A 117 -12.84 13.94 37.14
N SER A 118 -11.79 14.72 37.39
CA SER A 118 -11.69 15.50 38.61
C SER A 118 -12.57 16.74 38.50
N ALA A 119 -12.56 17.55 39.55
CA ALA A 119 -13.32 18.79 39.55
C ALA A 119 -12.64 19.83 38.66
N ALA A 120 -13.45 20.56 37.91
CA ALA A 120 -12.91 21.57 37.00
C ALA A 120 -12.23 22.68 37.78
N GLY A 121 -11.00 23.02 37.38
CA GLY A 121 -10.21 24.01 38.07
C GLY A 121 -9.36 23.49 39.20
N SER A 122 -9.54 22.23 39.61
CA SER A 122 -8.70 21.65 40.65
C SER A 122 -7.27 21.46 40.14
N ASN A 123 -6.39 21.09 41.07
CA ASN A 123 -4.99 20.84 40.68
C ASN A 123 -4.86 19.58 39.85
N GLU A 124 -5.69 18.57 40.11
CA GLU A 124 -5.68 17.38 39.25
C GLU A 124 -6.18 17.71 37.85
N TYR A 125 -7.08 18.69 37.74
CA TYR A 125 -7.56 19.12 36.42
C TYR A 125 -6.42 19.73 35.61
N TRP A 126 -5.59 20.56 36.24
CA TRP A 126 -4.49 21.19 35.51
C TRP A 126 -3.29 20.26 35.38
N THR A 127 -3.05 19.40 36.36
CA THR A 127 -1.98 18.40 36.23
C THR A 127 -2.21 17.52 35.01
N GLY A 128 -3.43 17.00 34.86
CA GLY A 128 -3.75 16.23 33.68
C GLY A 128 -3.66 17.04 32.40
N PHE A 129 -3.90 18.35 32.49
CA PHE A 129 -3.79 19.20 31.30
C PHE A 129 -2.33 19.43 30.92
N VAL A 130 -1.46 19.61 31.90
CA VAL A 130 -0.05 19.86 31.61
C VAL A 130 0.58 18.65 30.95
N ILE A 131 0.43 17.48 31.56
CA ILE A 131 1.08 16.28 31.03
C ILE A 131 0.52 15.94 29.65
N ALA A 132 -0.80 16.09 29.48
CA ALA A 132 -1.40 15.82 28.17
C ALA A 132 -0.89 16.78 27.12
N MET A 133 -0.76 18.06 27.46
CA MET A 133 -0.24 19.04 26.50
C MET A 133 1.21 18.78 26.15
N ALA A 134 2.00 18.26 27.09
CA ALA A 134 3.40 17.95 26.80
C ALA A 134 3.49 16.81 25.79
N THR A 135 2.74 15.72 26.02
CA THR A 135 2.73 14.63 25.05
C THR A 135 2.02 15.03 23.76
N TYR A 136 1.07 15.95 23.85
CA TYR A 136 0.41 16.46 22.64
C TYR A 136 1.39 17.21 21.76
N VAL A 137 2.21 18.08 22.36
CA VAL A 137 3.20 18.83 21.58
C VAL A 137 4.26 17.89 21.03
N TRP A 138 4.64 16.87 21.80
CA TRP A 138 5.62 15.90 21.34
C TRP A 138 5.12 15.17 20.10
N LEU A 139 3.87 14.72 20.12
CA LEU A 139 3.30 14.02 18.96
C LEU A 139 3.23 14.93 17.75
N MET A 140 2.88 16.20 17.95
CA MET A 140 2.75 17.12 16.82
C MET A 140 4.11 17.47 16.23
N ARG A 141 5.13 17.59 17.07
CA ARG A 141 6.46 17.89 16.57
C ARG A 141 7.01 16.73 15.73
N ASN A 142 6.71 15.50 16.12
CA ASN A 142 7.13 14.35 15.33
C ASN A 142 6.33 14.24 14.04
N LEU A 143 5.05 14.59 14.07
CA LEU A 143 4.25 14.54 12.85
C LEU A 143 4.75 15.53 11.81
N GLN A 144 5.26 16.69 12.25
CA GLN A 144 5.80 17.66 11.31
C GLN A 144 7.07 17.15 10.65
N ALA A 145 7.88 16.37 11.37
CA ALA A 145 9.12 15.85 10.81
C ALA A 145 8.91 14.66 9.90
N GLU A 146 7.74 14.02 9.95
CA GLU A 146 7.47 12.88 9.09
C GLU A 146 7.23 13.33 7.66
N GLY A 147 7.53 12.44 6.71
CA GLY A 147 7.29 12.72 5.32
C GLY A 147 8.38 13.51 4.63
N GLU A 148 9.56 13.61 5.24
CA GLU A 148 10.66 14.37 4.61
C GLU A 148 11.15 13.69 3.34
N GLY A 149 11.10 12.36 3.29
CA GLY A 149 11.53 11.61 2.12
C GLY A 149 10.48 11.42 1.06
N LEU A 150 9.26 11.90 1.27
CA LEU A 150 8.21 11.77 0.28
C LEU A 150 8.36 12.82 -0.82
N LYS A 151 7.97 12.44 -2.03
CA LYS A 151 8.10 13.32 -3.19
C LYS A 151 6.82 13.24 -4.02
N GLY A 152 6.56 14.31 -4.76
CA GLY A 152 5.49 14.29 -5.74
C GLY A 152 4.10 14.21 -5.12
N ASP A 153 3.28 13.33 -5.69
CA ASP A 153 1.87 13.27 -5.30
C ASP A 153 1.71 12.73 -3.89
N GLN A 154 2.56 11.79 -3.48
CA GLN A 154 2.47 11.28 -2.11
C GLN A 154 2.86 12.34 -1.09
N ALA A 155 3.80 13.22 -1.44
CA ALA A 155 4.18 14.29 -0.52
C ALA A 155 3.03 15.27 -0.33
N VAL A 156 2.31 15.60 -1.40
CA VAL A 156 1.17 16.50 -1.31
C VAL A 156 0.04 15.85 -0.52
N ALA A 157 -0.26 14.58 -0.83
CA ALA A 157 -1.35 13.89 -0.16
C ALA A 157 -1.06 13.69 1.32
N PHE A 158 0.19 13.37 1.66
CA PHE A 158 0.55 13.22 3.06
C PHE A 158 0.58 14.55 3.79
N GLU A 159 0.81 15.65 3.06
CA GLU A 159 0.78 16.97 3.69
C GLU A 159 -0.64 17.33 4.14
N ASN A 160 -1.65 16.91 3.36
CA ASN A 160 -3.03 17.12 3.80
C ASN A 160 -3.34 16.27 5.03
N ILE A 161 -2.77 15.07 5.12
CA ILE A 161 -2.93 14.25 6.31
C ILE A 161 -2.28 14.93 7.52
N LYS A 162 -1.10 15.52 7.33
CA LYS A 162 -0.41 16.19 8.42
C LYS A 162 -1.22 17.40 8.89
N ASN A 163 -1.69 18.23 7.96
CA ASN A 163 -2.36 19.47 8.33
C ASN A 163 -3.72 19.21 8.97
N LEU A 164 -4.40 18.13 8.57
CA LEU A 164 -5.70 17.83 9.17
C LEU A 164 -5.57 17.48 10.65
N ILE A 165 -4.53 16.73 11.01
CA ILE A 165 -4.30 16.40 12.41
C ILE A 165 -3.74 17.60 13.16
N LEU A 166 -2.76 18.28 12.57
CA LEU A 166 -2.12 19.41 13.26
C LEU A 166 -3.11 20.52 13.57
N VAL A 167 -4.11 20.72 12.71
CA VAL A 167 -5.11 21.74 12.92
C VAL A 167 -6.37 21.19 13.57
N GLY A 168 -6.78 19.98 13.19
CA GLY A 168 -8.03 19.43 13.68
C GLY A 168 -8.00 19.02 15.14
N TRP A 169 -6.84 18.56 15.63
CA TRP A 169 -6.75 18.11 17.01
C TRP A 169 -6.65 19.25 18.02
N ILE A 170 -6.53 20.49 17.55
CA ILE A 170 -6.49 21.63 18.47
C ILE A 170 -7.83 21.80 19.18
N ILE A 171 -8.91 21.32 18.57
CA ILE A 171 -10.24 21.47 19.15
C ILE A 171 -10.34 20.72 20.48
N TYR A 172 -9.56 19.65 20.66
CA TYR A 172 -9.69 18.84 21.87
C TYR A 172 -9.22 19.59 23.12
N PRO A 173 -8.01 20.16 23.16
CA PRO A 173 -7.64 20.93 24.36
C PRO A 173 -8.52 22.17 24.58
N LEU A 174 -9.03 22.77 23.50
CA LEU A 174 -9.95 23.88 23.65
C LEU A 174 -11.24 23.44 24.33
N GLY A 175 -11.77 22.28 23.92
CA GLY A 175 -12.94 21.74 24.60
C GLY A 175 -12.65 21.35 26.04
N TYR A 176 -11.42 20.94 26.32
CA TYR A 176 -11.05 20.63 27.71
C TYR A 176 -10.98 21.89 28.55
N ILE A 177 -10.53 23.00 27.97
CA ILE A 177 -10.40 24.26 28.70
C ILE A 177 -11.73 24.98 28.86
N ALA A 178 -12.69 24.71 27.98
CA ALA A 178 -13.97 25.43 28.01
C ALA A 178 -14.68 25.42 29.35
N PRO A 179 -14.77 24.31 30.10
CA PRO A 179 -15.55 24.33 31.35
C PRO A 179 -14.98 25.23 32.45
N VAL A 180 -13.74 25.70 32.34
CA VAL A 180 -13.16 26.56 33.37
C VAL A 180 -13.07 28.02 32.96
N VAL A 181 -13.14 28.33 31.66
CA VAL A 181 -13.19 29.73 31.21
C VAL A 181 -14.62 30.25 31.13
N GLY A 182 -15.61 29.45 31.52
CA GLY A 182 -16.98 29.89 31.48
C GLY A 182 -17.91 28.73 31.81
N ASP A 183 -19.20 29.03 31.75
CA ASP A 183 -20.24 28.03 32.00
C ASP A 183 -20.50 27.26 30.70
N PHE A 184 -19.48 26.51 30.28
CA PHE A 184 -19.48 25.82 28.99
C PHE A 184 -19.21 24.33 29.19
N ASP A 185 -20.06 23.68 30.01
CA ASP A 185 -19.91 22.25 30.22
C ASP A 185 -20.44 21.45 29.04
N ALA A 186 -21.47 21.95 28.35
CA ALA A 186 -21.98 21.28 27.16
C ALA A 186 -21.16 21.61 25.92
N ILE A 187 -20.45 22.74 25.91
CA ILE A 187 -19.59 23.08 24.78
C ILE A 187 -18.44 22.08 24.67
N ARG A 188 -18.00 21.53 25.80
N ARG A 188 -17.98 21.53 25.80
CA ARG A 188 -16.92 20.53 25.78
CA ARG A 188 -16.92 20.54 25.77
C ARG A 188 -17.32 19.31 24.97
C ARG A 188 -17.33 19.31 24.96
N GLU A 189 -18.55 18.83 25.15
CA GLU A 189 -19.00 17.66 24.40
C GLU A 189 -19.30 18.02 22.95
N VAL A 190 -19.73 19.26 22.69
CA VAL A 190 -19.96 19.69 21.31
C VAL A 190 -18.64 19.74 20.54
N LEU A 191 -17.63 20.39 21.13
CA LEU A 191 -16.33 20.48 20.45
C LEU A 191 -15.71 19.11 20.30
N TYR A 192 -15.91 18.22 21.27
CA TYR A 192 -15.38 16.86 21.13
C TYR A 192 -16.07 16.11 20.01
N THR A 193 -17.40 16.26 19.90
CA THR A 193 -18.14 15.55 18.86
C THR A 193 -17.82 16.10 17.48
N ILE A 194 -17.74 17.42 17.34
CA ILE A 194 -17.38 18.03 16.06
C ILE A 194 -15.97 17.60 15.66
N ALA A 195 -15.04 17.59 16.63
CA ALA A 195 -13.67 17.20 16.32
C ALA A 195 -13.57 15.72 15.96
N ASP A 196 -14.35 14.86 16.64
CA ASP A 196 -14.34 13.44 16.33
C ASP A 196 -14.90 13.18 14.95
N ILE A 197 -15.99 13.86 14.58
CA ILE A 197 -16.60 13.64 13.27
C ILE A 197 -15.71 14.21 12.18
N ILE A 198 -15.03 15.33 12.44
CA ILE A 198 -14.23 15.97 11.41
C ILE A 198 -12.91 15.24 11.21
N ASN A 199 -12.25 14.86 12.30
CA ASN A 199 -10.93 14.24 12.22
C ASN A 199 -10.97 12.79 11.76
N LYS A 200 -11.85 12.00 12.37
CA LYS A 200 -11.91 10.58 12.08
C LYS A 200 -12.44 10.24 10.68
N VAL A 201 -13.48 10.96 10.28
CA VAL A 201 -14.03 10.80 8.94
C VAL A 201 -13.12 11.48 7.92
N GLY A 202 -12.61 12.66 8.29
CA GLY A 202 -11.70 13.37 7.40
C GLY A 202 -10.42 12.61 7.13
N LEU A 203 -9.83 12.03 8.17
CA LEU A 203 -8.59 11.28 7.97
C LEU A 203 -8.83 10.05 7.11
N GLY A 204 -9.97 9.39 7.30
CA GLY A 204 -10.32 8.26 6.45
C GLY A 204 -10.45 8.65 4.99
N VAL A 205 -11.03 9.82 4.73
CA VAL A 205 -11.13 10.31 3.36
C VAL A 205 -9.74 10.65 2.82
N LEU A 206 -8.90 11.26 3.65
CA LEU A 206 -7.56 11.60 3.20
C LEU A 206 -6.70 10.35 3.00
N VAL A 207 -6.89 9.33 3.84
CA VAL A 207 -6.23 8.05 3.60
C VAL A 207 -6.79 7.42 2.33
N LEU A 208 -8.10 7.54 2.11
CA LEU A 208 -8.68 7.09 0.85
C LEU A 208 -8.15 7.92 -0.32
N GLN A 209 -8.12 9.25 -0.16
CA GLN A 209 -7.54 10.10 -1.19
C GLN A 209 -6.09 9.73 -1.46
N MET A 210 -5.33 9.40 -0.41
N MET A 210 -5.34 9.41 -0.40
CA MET A 210 -3.97 8.94 -0.61
CA MET A 210 -3.97 8.93 -0.58
C MET A 210 -3.94 7.62 -1.37
C MET A 210 -3.94 7.63 -1.37
N ALA A 211 -4.84 6.70 -1.03
CA ALA A 211 -4.87 5.41 -1.72
C ALA A 211 -5.28 5.57 -3.17
N ARG A 212 -6.21 6.49 -3.46
CA ARG A 212 -6.58 6.75 -4.85
C ARG A 212 -5.41 7.25 -5.66
N VAL A 213 -4.60 8.13 -5.08
CA VAL A 213 -3.46 8.68 -5.80
C VAL A 213 -2.29 7.68 -5.83
N GLN A 214 -2.11 6.92 -4.75
CA GLN A 214 -1.06 5.89 -4.75
C GLN A 214 -1.36 4.81 -5.76
N SER A 215 -2.62 4.38 -5.87
CA SER A 215 -2.99 3.37 -6.85
C SER A 215 -3.01 3.97 -8.24
N GLY A 216 -1.87 3.97 -8.91
CA GLY A 216 -1.80 4.56 -10.24
C GLY A 216 -0.52 4.16 -10.93
N GLU A 217 -0.49 4.39 -12.24
CA GLU A 217 0.68 4.06 -13.05
C GLU A 217 1.82 5.04 -12.87
N GLY A 218 1.58 6.20 -12.25
CA GLY A 218 2.63 7.18 -12.05
C GLY A 218 3.79 6.65 -11.22
N ASN A 219 4.96 6.55 -11.83
CA ASN A 219 6.14 6.02 -11.17
C ASN A 219 7.36 6.87 -11.48
N ILE A 220 7.17 8.20 -11.45
CA ILE A 220 8.28 9.12 -11.72
C ILE A 220 9.43 8.88 -10.74
N PHE A 221 9.10 8.71 -9.47
CA PHE A 221 10.10 8.54 -8.43
C PHE A 221 10.43 7.08 -8.16
N ALA A 222 9.91 6.16 -8.99
CA ALA A 222 10.36 4.76 -9.05
C ALA A 222 10.22 4.07 -7.69
N ASN A 223 8.99 4.04 -7.18
CA ASN A 223 8.69 3.40 -5.92
C ASN A 223 7.65 2.29 -6.01
N LYS A 224 6.98 2.14 -7.16
CA LYS A 224 5.85 1.22 -7.24
C LYS A 224 6.29 -0.22 -7.07
N PHE A 225 7.33 -0.65 -7.77
CA PHE A 225 7.76 -2.04 -7.76
C PHE A 225 8.88 -2.31 -6.76
N LYS A 226 9.21 -1.35 -5.91
CA LYS A 226 10.32 -1.53 -4.98
C LYS A 226 9.97 -2.53 -3.88
N GLY A 227 8.85 -2.32 -3.19
CA GLY A 227 8.51 -3.12 -2.04
C GLY A 227 7.80 -4.43 -2.34
N LEU A 228 8.30 -5.18 -3.32
CA LEU A 228 7.71 -6.46 -3.69
C LEU A 228 8.59 -7.67 -3.39
N PHE A 229 9.91 -7.53 -3.48
CA PHE A 229 10.80 -8.68 -3.50
C PHE A 229 11.50 -8.94 -2.18
N GLY A 230 11.89 -7.89 -1.45
CA GLY A 230 12.53 -8.08 -0.17
C GLY A 230 14.04 -8.11 -0.24
N LYS A 231 14.67 -8.97 0.56
CA LYS A 231 16.12 -9.02 0.67
C LYS A 231 16.73 -10.35 0.22
N LYS A 232 15.94 -11.38 0.01
CA LYS A 232 16.48 -12.67 -0.42
C LYS A 232 16.99 -12.58 -1.85
N GLU A 233 17.93 -13.47 -2.18
CA GLU A 233 18.42 -13.57 -3.55
C GLU A 233 17.31 -14.12 -4.44
N MET A 234 17.09 -13.48 -5.59
CA MET A 234 16.02 -13.88 -6.49
C MET A 234 16.49 -13.63 -7.92
N ARG A 235 16.91 -14.69 -8.60
CA ARG A 235 17.34 -14.62 -9.99
C ARG A 235 16.16 -14.93 -10.89
N ILE A 236 15.76 -13.95 -11.71
CA ILE A 236 14.59 -14.07 -12.57
C ILE A 236 15.05 -14.03 -14.01
N LEU A 237 14.59 -14.99 -14.81
N LEU A 237 14.57 -14.98 -14.82
CA LEU A 237 14.80 -15.00 -16.25
CA LEU A 237 14.80 -15.02 -16.25
C LEU A 237 13.51 -14.59 -16.94
C LEU A 237 13.51 -14.60 -16.95
N MET A 238 13.59 -13.56 -17.77
CA MET A 238 12.43 -13.05 -18.51
C MET A 238 12.73 -13.16 -20.00
N VAL A 239 12.07 -14.12 -20.67
CA VAL A 239 12.32 -14.41 -22.07
C VAL A 239 11.02 -14.32 -22.85
N GLY A 240 11.16 -14.46 -24.17
CA GLY A 240 10.04 -14.35 -25.08
C GLY A 240 10.54 -13.98 -26.46
N LEU A 241 9.64 -14.12 -27.43
CA LEU A 241 9.97 -13.75 -28.80
C LEU A 241 10.34 -12.27 -28.88
N ASP A 242 11.01 -11.90 -29.96
CA ASP A 242 11.34 -10.51 -30.20
C ASP A 242 10.07 -9.68 -30.30
N ALA A 243 10.16 -8.43 -29.84
CA ALA A 243 9.05 -7.48 -29.85
C ALA A 243 7.90 -7.90 -28.94
N ALA A 244 8.14 -8.83 -28.01
CA ALA A 244 7.10 -9.21 -27.06
C ALA A 244 6.82 -8.12 -26.03
N GLY A 245 7.75 -7.20 -25.83
CA GLY A 245 7.63 -6.17 -24.82
C GLY A 245 8.56 -6.30 -23.64
N LYS A 246 9.64 -7.09 -23.75
CA LYS A 246 10.48 -7.37 -22.59
C LYS A 246 11.26 -6.14 -22.16
N THR A 247 11.91 -5.47 -23.12
CA THR A 247 12.68 -4.26 -22.77
C THR A 247 11.78 -3.18 -22.19
N THR A 248 10.54 -3.08 -22.70
CA THR A 248 9.60 -2.12 -22.15
C THR A 248 9.26 -2.45 -20.70
N ILE A 249 9.15 -3.73 -20.38
CA ILE A 249 8.88 -4.12 -19.00
C ILE A 249 10.05 -3.73 -18.09
N LEU A 250 11.29 -3.95 -18.54
CA LEU A 250 12.45 -3.60 -17.71
C LEU A 250 12.47 -2.12 -17.38
N TYR A 251 12.11 -1.26 -18.35
CA TYR A 251 12.03 0.16 -18.07
C TYR A 251 10.90 0.49 -17.11
N LYS A 252 9.80 -0.26 -17.18
CA LYS A 252 8.64 0.07 -16.35
C LYS A 252 8.86 -0.30 -14.89
N LEU A 253 9.66 -1.34 -14.62
CA LEU A 253 9.92 -1.73 -13.24
C LEU A 253 10.69 -0.64 -12.49
N LYS A 254 11.52 0.12 -13.20
CA LYS A 254 12.30 1.21 -12.62
C LYS A 254 13.04 0.77 -11.36
N LEU A 255 13.74 -0.36 -11.47
CA LEU A 255 14.55 -0.90 -10.40
C LEU A 255 16.04 -0.66 -10.61
N GLY A 256 16.43 -0.13 -11.74
CA GLY A 256 17.83 0.16 -12.00
C GLY A 256 18.08 0.34 -13.48
N GLU A 257 19.32 0.71 -13.79
CA GLU A 257 19.74 0.86 -15.17
C GLU A 257 19.76 -0.51 -15.86
N ILE A 258 19.38 -0.53 -17.14
CA ILE A 258 19.47 -1.74 -17.94
C ILE A 258 20.90 -1.88 -18.43
N VAL A 259 21.53 -3.00 -18.12
CA VAL A 259 22.89 -3.29 -18.56
C VAL A 259 22.79 -4.20 -19.77
N THR A 260 23.21 -3.68 -20.93
CA THR A 260 23.16 -4.43 -22.19
C THR A 260 24.55 -4.91 -22.54
N THR A 261 24.69 -6.20 -22.83
CA THR A 261 25.96 -6.80 -23.20
C THR A 261 25.79 -7.67 -24.43
N ILE A 262 26.86 -7.78 -25.20
CA ILE A 262 26.89 -8.69 -26.35
C ILE A 262 28.02 -9.69 -26.11
N PRO A 263 27.76 -10.79 -25.39
CA PRO A 263 28.83 -11.77 -25.14
C PRO A 263 29.39 -12.38 -26.42
N THR A 264 28.55 -12.58 -27.43
CA THR A 264 28.99 -12.97 -28.76
C THR A 264 28.06 -12.34 -29.77
N ILE A 265 28.56 -12.18 -31.00
CA ILE A 265 27.79 -11.52 -32.05
C ILE A 265 26.50 -12.30 -32.29
N GLY A 266 25.38 -11.59 -32.27
CA GLY A 266 24.07 -12.20 -32.46
C GLY A 266 23.34 -12.57 -31.19
N PHE A 267 23.94 -12.35 -30.03
CA PHE A 267 23.35 -12.70 -28.74
C PHE A 267 23.30 -11.44 -27.88
N ASN A 268 22.10 -10.92 -27.65
CA ASN A 268 21.89 -9.70 -26.88
CA ASN A 268 21.90 -9.70 -26.88
C ASN A 268 21.30 -10.05 -25.52
N VAL A 269 21.91 -9.52 -24.46
CA VAL A 269 21.48 -9.80 -23.10
C VAL A 269 21.24 -8.48 -22.37
N GLU A 270 20.13 -8.40 -21.65
CA GLU A 270 19.81 -7.26 -20.81
C GLU A 270 19.64 -7.72 -19.37
N THR A 271 20.20 -6.97 -18.44
CA THR A 271 20.13 -7.29 -17.01
C THR A 271 19.79 -6.06 -16.20
N VAL A 272 18.99 -6.25 -15.16
CA VAL A 272 18.67 -5.23 -14.18
C VAL A 272 18.87 -5.83 -12.80
N GLU A 273 19.60 -5.11 -11.94
CA GLU A 273 19.94 -5.59 -10.61
C GLU A 273 19.43 -4.60 -9.57
N TYR A 274 18.74 -5.11 -8.56
CA TYR A 274 18.24 -4.28 -7.46
C TYR A 274 18.29 -5.13 -6.19
N LYS A 275 18.98 -4.63 -5.16
CA LYS A 275 19.25 -5.41 -3.96
C LYS A 275 19.84 -6.76 -4.34
N ASN A 276 19.19 -7.84 -3.93
CA ASN A 276 19.60 -9.18 -4.34
C ASN A 276 18.69 -9.75 -5.42
N ILE A 277 17.93 -8.90 -6.11
CA ILE A 277 17.02 -9.33 -7.16
C ILE A 277 17.64 -9.00 -8.51
N SER A 278 17.37 -9.84 -9.50
CA SER A 278 17.96 -9.65 -10.82
C SER A 278 17.01 -10.15 -11.89
N PHE A 279 16.98 -9.44 -13.01
CA PHE A 279 16.28 -9.88 -14.21
C PHE A 279 17.31 -10.05 -15.33
N THR A 280 17.24 -11.18 -16.02
CA THR A 280 18.04 -11.42 -17.23
C THR A 280 17.09 -11.63 -18.40
N VAL A 281 17.31 -10.90 -19.49
CA VAL A 281 16.38 -10.86 -20.61
C VAL A 281 17.12 -11.13 -21.92
N TRP A 282 16.62 -12.08 -22.69
CA TRP A 282 17.05 -12.25 -24.09
C TRP A 282 15.86 -12.75 -24.89
N ASP A 283 15.97 -12.62 -26.21
CA ASP A 283 14.97 -13.16 -27.11
C ASP A 283 15.17 -14.66 -27.29
N VAL A 284 14.05 -15.40 -27.35
CA VAL A 284 14.07 -16.82 -27.68
C VAL A 284 13.74 -16.95 -29.16
N GLY A 285 14.07 -18.12 -29.72
CA GLY A 285 13.98 -18.32 -31.15
C GLY A 285 15.25 -17.95 -31.86
N GLY A 286 15.14 -17.47 -33.10
CA GLY A 286 16.32 -17.06 -33.84
C GLY A 286 17.15 -18.24 -34.34
N LEU A 287 18.45 -17.99 -34.50
CA LEU A 287 19.35 -18.99 -35.04
C LEU A 287 19.56 -20.12 -34.05
N ASP A 288 19.70 -21.34 -34.58
CA ASP A 288 19.90 -22.51 -33.72
C ASP A 288 21.29 -22.54 -33.11
N LYS A 289 22.25 -21.80 -33.67
CA LYS A 289 23.59 -21.76 -33.11
C LYS A 289 23.68 -20.86 -31.88
N ILE A 290 22.68 -20.01 -31.65
CA ILE A 290 22.67 -19.18 -30.46
C ILE A 290 22.03 -19.90 -29.28
N ARG A 291 21.10 -20.82 -29.55
CA ARG A 291 20.36 -21.53 -28.50
C ARG A 291 21.24 -22.18 -27.44
N PRO A 292 22.32 -22.91 -27.76
CA PRO A 292 23.09 -23.57 -26.70
C PRO A 292 23.69 -22.60 -25.70
N LEU A 293 23.90 -21.34 -26.06
CA LEU A 293 24.54 -20.38 -25.16
C LEU A 293 23.62 -19.99 -24.01
N TRP A 294 22.31 -20.21 -24.14
CA TRP A 294 21.39 -19.92 -23.05
C TRP A 294 21.66 -20.75 -21.80
N ARG A 295 22.32 -21.91 -21.95
CA ARG A 295 22.55 -22.80 -20.81
C ARG A 295 23.44 -22.17 -19.75
N HIS A 296 24.25 -21.18 -20.11
CA HIS A 296 25.14 -20.53 -19.17
C HIS A 296 24.43 -19.59 -18.21
N TYR A 297 23.10 -19.45 -18.33
CA TYR A 297 22.33 -18.55 -17.49
C TYR A 297 21.21 -19.24 -16.73
N PHE A 298 21.09 -20.57 -16.84
CA PHE A 298 19.96 -21.29 -16.29
C PHE A 298 20.13 -21.68 -14.82
N GLN A 299 21.36 -21.86 -14.36
CA GLN A 299 21.58 -22.44 -13.04
C GLN A 299 21.06 -21.52 -11.94
N ASN A 300 20.38 -22.11 -10.96
CA ASN A 300 19.86 -21.40 -9.80
C ASN A 300 18.83 -20.34 -10.18
N THR A 301 18.12 -20.56 -11.29
CA THR A 301 17.03 -19.69 -11.67
C THR A 301 15.79 -20.02 -10.87
N GLN A 302 15.25 -19.02 -10.18
CA GLN A 302 14.07 -19.19 -9.33
C GLN A 302 12.76 -18.83 -10.04
N GLY A 303 12.72 -17.74 -10.78
CA GLY A 303 11.52 -17.39 -11.52
C GLY A 303 11.74 -17.34 -13.03
N LEU A 304 10.81 -17.91 -13.79
CA LEU A 304 10.83 -17.83 -15.25
C LEU A 304 9.62 -17.03 -15.71
N ILE A 305 9.88 -15.85 -16.28
CA ILE A 305 8.85 -15.00 -16.84
C ILE A 305 8.87 -15.15 -18.35
N PHE A 306 7.75 -15.55 -18.94
CA PHE A 306 7.62 -15.63 -20.39
C PHE A 306 6.65 -14.56 -20.84
N VAL A 307 7.13 -13.65 -21.68
CA VAL A 307 6.33 -12.54 -22.20
C VAL A 307 5.91 -12.88 -23.61
N VAL A 308 4.60 -12.82 -23.88
CA VAL A 308 4.04 -13.15 -25.19
C VAL A 308 3.22 -11.97 -25.68
N ASP A 309 3.41 -11.61 -26.95
CA ASP A 309 2.57 -10.59 -27.59
C ASP A 309 1.20 -11.20 -27.87
N SER A 310 0.20 -10.78 -27.11
CA SER A 310 -1.15 -11.30 -27.26
C SER A 310 -1.83 -10.82 -28.53
N ASN A 311 -1.30 -9.78 -29.18
CA ASN A 311 -1.85 -9.29 -30.43
C ASN A 311 -1.27 -9.99 -31.64
N ASP A 312 -0.14 -10.69 -31.49
CA ASP A 312 0.51 -11.39 -32.60
C ASP A 312 -0.05 -12.80 -32.66
N ARG A 313 -1.19 -12.93 -33.34
CA ARG A 313 -1.82 -14.24 -33.50
C ARG A 313 -1.06 -15.13 -34.48
N GLU A 314 -0.24 -14.55 -35.35
CA GLU A 314 0.50 -15.33 -36.33
C GLU A 314 1.70 -16.04 -35.72
N ARG A 315 2.24 -15.55 -34.60
CA ARG A 315 3.42 -16.15 -33.98
C ARG A 315 3.14 -16.67 -32.58
N VAL A 316 1.87 -16.84 -32.21
CA VAL A 316 1.56 -17.34 -30.88
C VAL A 316 1.93 -18.82 -30.76
N ASN A 317 1.97 -19.54 -31.88
CA ASN A 317 2.35 -20.94 -31.84
C ASN A 317 3.86 -21.10 -31.68
N GLU A 318 4.64 -20.25 -32.34
CA GLU A 318 6.08 -20.26 -32.16
C GLU A 318 6.47 -19.88 -30.74
N ALA A 319 5.67 -19.02 -30.09
CA ALA A 319 5.94 -18.65 -28.71
C ALA A 319 5.74 -19.85 -27.79
N ARG A 320 4.76 -20.70 -28.07
CA ARG A 320 4.53 -21.88 -27.23
C ARG A 320 5.68 -22.87 -27.36
N GLU A 321 6.17 -23.08 -28.58
CA GLU A 321 7.27 -24.02 -28.78
C GLU A 321 8.52 -23.58 -28.04
N GLU A 322 8.77 -22.27 -27.99
CA GLU A 322 9.92 -21.77 -27.26
C GLU A 322 9.73 -21.91 -25.75
N LEU A 323 8.51 -21.69 -25.27
CA LEU A 323 8.22 -21.86 -23.85
C LEU A 323 8.40 -23.30 -23.41
N MET A 324 7.86 -24.25 -24.19
CA MET A 324 7.95 -25.65 -23.80
C MET A 324 9.39 -26.15 -23.85
N ARG A 325 10.13 -25.76 -24.90
CA ARG A 325 11.53 -26.17 -24.99
C ARG A 325 12.34 -25.60 -23.82
N MET A 326 12.02 -24.38 -23.39
CA MET A 326 12.65 -23.81 -22.21
C MET A 326 12.28 -24.60 -20.96
N LEU A 327 11.01 -24.96 -20.82
CA LEU A 327 10.57 -25.70 -19.65
C LEU A 327 11.15 -27.12 -19.60
N ALA A 328 11.62 -27.63 -20.74
CA ALA A 328 12.25 -28.95 -20.77
C ALA A 328 13.64 -28.96 -20.18
N GLU A 329 14.24 -27.80 -19.92
CA GLU A 329 15.59 -27.73 -19.36
C GLU A 329 15.59 -28.22 -17.91
N ASP A 330 16.49 -29.15 -17.61
CA ASP A 330 16.55 -29.74 -16.27
C ASP A 330 16.92 -28.71 -15.22
N GLU A 331 17.74 -27.71 -15.58
CA GLU A 331 18.11 -26.67 -14.63
C GLU A 331 16.96 -25.73 -14.30
N LEU A 332 15.87 -25.78 -15.06
CA LEU A 332 14.69 -24.95 -14.80
C LEU A 332 13.52 -25.78 -14.29
N ARG A 333 13.78 -26.98 -13.76
CA ARG A 333 12.70 -27.85 -13.30
C ARG A 333 11.95 -27.27 -12.12
N ASP A 334 12.65 -26.53 -11.25
CA ASP A 334 12.03 -25.92 -10.08
C ASP A 334 11.67 -24.46 -10.29
N ALA A 335 11.92 -23.92 -11.50
CA ALA A 335 11.60 -22.52 -11.76
C ALA A 335 10.10 -22.31 -11.76
N VAL A 336 9.66 -21.24 -11.12
CA VAL A 336 8.26 -20.85 -11.10
C VAL A 336 7.96 -20.04 -12.34
N LEU A 337 6.93 -20.44 -13.08
CA LEU A 337 6.59 -19.82 -14.36
C LEU A 337 5.59 -18.70 -14.16
N LEU A 338 5.86 -17.55 -14.79
CA LEU A 338 4.93 -16.42 -14.82
C LEU A 338 4.79 -15.99 -16.26
N VAL A 339 3.60 -16.15 -16.82
CA VAL A 339 3.33 -15.79 -18.22
C VAL A 339 2.72 -14.40 -18.24
N PHE A 340 3.34 -13.49 -19.00
CA PHE A 340 2.83 -12.15 -19.22
C PHE A 340 2.11 -12.12 -20.56
N ALA A 341 0.78 -12.06 -20.53
CA ALA A 341 -0.02 -11.85 -21.74
C ALA A 341 -0.01 -10.36 -22.04
N ASN A 342 1.04 -9.90 -22.73
CA ASN A 342 1.31 -8.49 -22.89
C ASN A 342 0.49 -7.90 -24.05
N LYS A 343 0.46 -6.57 -24.10
CA LYS A 343 -0.19 -5.81 -25.17
C LYS A 343 -1.69 -6.09 -25.21
N GLN A 344 -2.33 -6.04 -24.04
CA GLN A 344 -3.78 -6.24 -23.95
C GLN A 344 -4.55 -5.04 -24.48
N ASP A 345 -3.91 -3.88 -24.60
CA ASP A 345 -4.59 -2.67 -25.06
C ASP A 345 -4.83 -2.64 -26.57
N LEU A 346 -4.22 -3.55 -27.32
CA LEU A 346 -4.40 -3.57 -28.75
C LEU A 346 -5.74 -4.22 -29.12
N PRO A 347 -6.35 -3.81 -30.23
CA PRO A 347 -7.72 -4.29 -30.53
C PRO A 347 -7.79 -5.78 -30.82
N ASN A 348 -6.79 -6.36 -31.47
CA ASN A 348 -6.79 -7.78 -31.79
C ASN A 348 -6.18 -8.64 -30.69
N ALA A 349 -6.04 -8.09 -29.48
CA ALA A 349 -5.34 -8.80 -28.41
C ALA A 349 -6.18 -9.96 -27.88
N MET A 350 -5.55 -11.12 -27.73
CA MET A 350 -6.19 -12.27 -27.15
C MET A 350 -6.20 -12.16 -25.63
N ASN A 351 -7.31 -12.56 -25.01
CA ASN A 351 -7.43 -12.47 -23.57
C ASN A 351 -6.56 -13.52 -22.89
N ALA A 352 -6.50 -13.44 -21.56
CA ALA A 352 -5.65 -14.36 -20.80
C ALA A 352 -6.13 -15.81 -20.92
N ALA A 353 -7.46 -16.01 -21.04
CA ALA A 353 -7.96 -17.37 -21.17
C ALA A 353 -7.56 -17.98 -22.51
N GLU A 354 -7.58 -17.18 -23.59
CA GLU A 354 -7.19 -17.71 -24.89
C GLU A 354 -5.68 -17.91 -24.99
N ILE A 355 -4.90 -17.06 -24.32
CA ILE A 355 -3.45 -17.26 -24.30
C ILE A 355 -3.11 -18.54 -23.56
N THR A 356 -3.79 -18.81 -22.43
CA THR A 356 -3.60 -20.07 -21.73
C THR A 356 -3.96 -21.25 -22.61
N ASP A 357 -5.02 -21.11 -23.41
CA ASP A 357 -5.44 -22.22 -24.28
C ASP A 357 -4.44 -22.45 -25.41
N LYS A 358 -4.00 -21.38 -26.07
CA LYS A 358 -3.06 -21.51 -27.18
C LYS A 358 -1.65 -21.84 -26.73
N LEU A 359 -1.29 -21.52 -25.49
CA LEU A 359 0.01 -21.92 -24.95
C LEU A 359 -0.04 -23.27 -24.26
N GLY A 360 -1.23 -23.84 -24.06
CA GLY A 360 -1.33 -25.15 -23.44
C GLY A 360 -0.83 -25.20 -22.01
N LEU A 361 -1.07 -24.14 -21.24
CA LEU A 361 -0.60 -24.09 -19.86
C LEU A 361 -1.30 -25.10 -18.97
N HIS A 362 -2.51 -25.54 -19.32
CA HIS A 362 -3.22 -26.51 -18.49
C HIS A 362 -2.62 -27.90 -18.59
N SER A 363 -1.81 -28.17 -19.62
CA SER A 363 -1.16 -29.46 -19.75
C SER A 363 0.11 -29.58 -18.91
N LEU A 364 0.62 -28.46 -18.40
CA LEU A 364 1.84 -28.51 -17.62
C LEU A 364 1.59 -29.20 -16.28
N ARG A 365 2.41 -30.19 -15.97
CA ARG A 365 2.33 -30.91 -14.71
C ARG A 365 3.57 -30.63 -13.87
N HIS A 366 3.39 -30.65 -12.55
CA HIS A 366 4.46 -30.38 -11.59
C HIS A 366 5.14 -29.04 -11.84
N ARG A 367 4.36 -28.04 -12.29
CA ARG A 367 4.89 -26.72 -12.57
C ARG A 367 3.95 -25.68 -11.94
N ASN A 368 4.49 -24.87 -11.05
CA ASN A 368 3.73 -23.80 -10.40
C ASN A 368 3.74 -22.59 -11.32
N TRP A 369 2.62 -22.34 -12.00
CA TRP A 369 2.56 -21.29 -13.02
C TRP A 369 1.39 -20.35 -12.75
N TYR A 370 1.39 -19.24 -13.49
CA TYR A 370 0.38 -18.19 -13.35
C TYR A 370 0.48 -17.29 -14.58
N ILE A 371 -0.67 -16.93 -15.14
CA ILE A 371 -0.73 -16.06 -16.31
C ILE A 371 -1.38 -14.73 -15.88
N GLN A 372 -0.81 -13.63 -16.36
CA GLN A 372 -1.26 -12.29 -15.98
C GLN A 372 -1.35 -11.43 -17.23
N ALA A 373 -2.57 -11.01 -17.56
CA ALA A 373 -2.76 -10.08 -18.67
C ALA A 373 -2.16 -8.72 -18.31
N THR A 374 -1.31 -8.21 -19.18
CA THR A 374 -0.55 -7.00 -18.87
C THR A 374 -0.56 -6.04 -20.05
N CYS A 375 -0.35 -4.77 -19.74
CA CYS A 375 -0.08 -3.72 -20.72
C CYS A 375 1.21 -3.05 -20.28
N ALA A 376 2.31 -3.37 -20.97
CA ALA A 376 3.62 -2.91 -20.53
C ALA A 376 3.78 -1.40 -20.70
N THR A 377 3.12 -0.82 -21.70
CA THR A 377 3.23 0.62 -21.93
C THR A 377 2.61 1.41 -20.77
N SER A 378 1.50 0.92 -20.21
CA SER A 378 0.87 1.57 -19.07
C SER A 378 1.26 0.96 -17.74
N GLY A 379 1.72 -0.29 -17.74
CA GLY A 379 2.09 -0.97 -16.51
C GLY A 379 0.99 -1.78 -15.86
N ASP A 380 -0.21 -1.77 -16.42
CA ASP A 380 -1.32 -2.52 -15.85
C ASP A 380 -1.00 -4.01 -15.82
N GLY A 381 -1.26 -4.65 -14.68
CA GLY A 381 -1.01 -6.06 -14.52
C GLY A 381 0.41 -6.43 -14.12
N LEU A 382 1.39 -5.57 -14.38
CA LEU A 382 2.76 -5.90 -14.02
C LEU A 382 2.91 -6.09 -12.52
N TYR A 383 2.24 -5.26 -11.72
CA TYR A 383 2.35 -5.39 -10.27
C TYR A 383 1.68 -6.67 -9.79
N GLU A 384 0.54 -7.02 -10.36
CA GLU A 384 -0.16 -8.24 -9.93
C GLU A 384 0.63 -9.49 -10.25
N GLY A 385 1.26 -9.53 -11.43
CA GLY A 385 2.04 -10.70 -11.79
C GLY A 385 3.28 -10.86 -10.93
N LEU A 386 4.01 -9.77 -10.72
CA LEU A 386 5.22 -9.81 -9.92
C LEU A 386 4.90 -10.07 -8.44
N ASP A 387 3.77 -9.55 -7.94
CA ASP A 387 3.40 -9.81 -6.56
C ASP A 387 3.14 -11.30 -6.34
N TRP A 388 2.52 -11.97 -7.31
CA TRP A 388 2.33 -13.41 -7.21
C TRP A 388 3.68 -14.14 -7.29
N LEU A 389 4.53 -13.74 -8.23
CA LEU A 389 5.83 -14.37 -8.37
C LEU A 389 6.68 -14.15 -7.11
N SER A 390 6.64 -12.94 -6.55
CA SER A 390 7.36 -12.67 -5.32
C SER A 390 6.83 -13.51 -4.17
N ASN A 391 5.50 -13.69 -4.11
CA ASN A 391 4.93 -14.49 -3.03
C ASN A 391 5.35 -15.95 -3.12
N GLN A 392 5.47 -16.47 -4.34
CA GLN A 392 5.87 -17.87 -4.51
C GLN A 392 7.32 -18.08 -4.13
N LEU A 393 8.20 -17.16 -4.52
CA LEU A 393 9.63 -17.32 -4.30
C LEU A 393 10.06 -16.96 -2.88
N ARG A 394 9.31 -16.10 -2.20
CA ARG A 394 9.64 -15.76 -0.81
C ARG A 394 9.12 -16.81 0.16
N ASN A 395 7.91 -17.31 -0.07
CA ASN A 395 7.30 -18.32 0.79
C ASN A 395 7.58 -19.74 0.33
N GLN A 396 8.82 -20.04 -0.06
CA GLN A 396 9.20 -21.38 -0.48
C GLN A 396 10.69 -21.60 -0.33
#